data_8YJ6
#
_entry.id   8YJ6
#
_cell.length_a   39.935
_cell.length_b   49.828
_cell.length_c   147.398
_cell.angle_alpha   90.000
_cell.angle_beta   90.000
_cell.angle_gamma   90.000
#
_symmetry.space_group_name_H-M   'P 21 21 21'
#
loop_
_entity.id
_entity.type
_entity.pdbx_description
1 polymer 'Iron ABC transporter substrate-binding lipoprotein MtsA'
2 non-polymer 'ZINC ION'
3 water water
#
_entity_poly.entity_id   1
_entity_poly.type   'polypeptide(L)'
_entity_poly.pdbx_seq_one_letter_code
;DKLKVVATNSIIADMTKAIAGDKIDLHSIVPIGQDPHEYEPLPEDVEKTSNADVIFYNGINLEDGGQAWFTKLVKNAQKT
KNKDYFAVSDGIDVIYLEGASEKGKEDPHAWLNLENGIIYSKNIAKQLIAKDPKNKETYEKNLKAYVAKLEKLDKEAKSK
FDAIAENKKLIVTSEGCFKYFSKAYGVPSAYIWEINTEEEGTPDQISSLIEKLKVIKPSALFVESSVDRRPMETVSKDSG
IPIYSEIFTDSIAKKGKPGDSYYAMMKWNLDKISEGLAK
;
_entity_poly.pdbx_strand_id   C
#
# COMPACT_ATOMS: atom_id res chain seq x y z
N LYS A 2 6.87 9.96 26.10
CA LYS A 2 6.00 9.54 25.01
C LYS A 2 6.37 8.16 24.47
N LEU A 3 5.36 7.43 24.01
CA LEU A 3 5.57 6.14 23.36
C LEU A 3 6.43 6.32 22.13
N LYS A 4 7.42 5.44 21.96
CA LYS A 4 8.29 5.44 20.78
C LYS A 4 7.79 4.39 19.80
N VAL A 5 7.40 4.86 18.60
CA VAL A 5 6.75 4.00 17.61
C VAL A 5 7.57 4.04 16.33
N VAL A 6 7.78 2.85 15.73
CA VAL A 6 8.42 2.73 14.42
C VAL A 6 7.43 2.08 13.48
N ALA A 7 7.28 2.66 12.28
CA ALA A 7 6.48 2.08 11.21
C ALA A 7 7.40 1.79 10.03
N THR A 8 7.13 0.69 9.31
CA THR A 8 8.05 0.32 8.24
C THR A 8 7.96 1.23 7.03
N ASN A 9 6.81 1.85 6.77
CA ASN A 9 6.70 2.68 5.57
C ASN A 9 5.72 3.83 5.80
N SER A 10 5.66 4.72 4.81
CA SER A 10 4.93 5.99 4.94
C SER A 10 3.42 5.79 5.00
N ILE A 11 2.89 4.71 4.41
CA ILE A 11 1.45 4.46 4.49
C ILE A 11 1.07 4.11 5.92
N ILE A 12 1.78 3.15 6.50
CA ILE A 12 1.50 2.75 7.87
C ILE A 12 1.79 3.90 8.83
N ALA A 13 2.86 4.65 8.57
CA ALA A 13 3.17 5.79 9.43
C ALA A 13 2.07 6.83 9.39
N ASP A 14 1.50 7.08 8.20
CA ASP A 14 0.44 8.08 8.10
C ASP A 14 -0.82 7.64 8.83
N MET A 15 -1.21 6.38 8.67
CA MET A 15 -2.35 5.86 9.44
C MET A 15 -2.09 6.02 10.93
N THR A 16 -0.87 5.74 11.38
CA THR A 16 -0.54 5.90 12.79
C THR A 16 -0.68 7.36 13.22
N LYS A 17 -0.20 8.30 12.38
CA LYS A 17 -0.34 9.72 12.71
C LYS A 17 -1.81 10.12 12.84
N ALA A 18 -2.68 9.57 12.00
CA ALA A 18 -4.10 9.90 12.08
C ALA A 18 -4.69 9.47 13.42
N ILE A 19 -4.18 8.38 14.01
CA ILE A 19 -4.71 7.88 15.27
C ILE A 19 -4.08 8.61 16.46
N ALA A 20 -2.78 8.88 16.38
CA ALA A 20 -2.00 9.27 17.56
C ALA A 20 -1.75 10.76 17.67
N GLY A 21 -1.68 11.47 16.54
CA GLY A 21 -1.39 12.89 16.56
C GLY A 21 -0.17 13.23 17.41
N ASP A 22 -0.38 14.13 18.38
CA ASP A 22 0.67 14.72 19.20
C ASP A 22 1.32 13.73 20.17
N LYS A 23 0.69 12.59 20.43
CA LYS A 23 0.95 11.84 21.65
C LYS A 23 2.14 10.88 21.57
N ILE A 24 2.71 10.62 20.39
CA ILE A 24 3.78 9.64 20.26
C ILE A 24 4.99 10.27 19.57
N ASP A 25 6.11 9.54 19.65
CA ASP A 25 7.35 9.84 18.93
C ASP A 25 7.44 8.79 17.82
N LEU A 26 7.18 9.21 16.58
CA LEU A 26 6.99 8.28 15.47
C LEU A 26 8.15 8.39 14.49
N HIS A 27 8.67 7.23 14.07
CA HIS A 27 9.72 7.13 13.06
C HIS A 27 9.25 6.21 11.95
N SER A 28 9.46 6.63 10.69
CA SER A 28 9.10 5.83 9.52
C SER A 28 10.38 5.44 8.78
N ILE A 29 10.49 4.16 8.44
CA ILE A 29 11.75 3.65 7.88
C ILE A 29 11.89 3.95 6.38
N VAL A 30 11.03 3.38 5.54
CA VAL A 30 11.19 3.49 4.09
C VAL A 30 10.84 4.91 3.64
N PRO A 31 11.78 5.65 3.03
CA PRO A 31 11.45 7.02 2.60
C PRO A 31 10.32 7.07 1.59
N ILE A 32 9.63 8.22 1.59
CA ILE A 32 8.57 8.46 0.61
C ILE A 32 9.10 8.25 -0.80
N GLY A 33 8.31 7.55 -1.61
CA GLY A 33 8.67 7.35 -3.00
C GLY A 33 9.57 6.16 -3.26
N GLN A 34 10.01 5.46 -2.21
CA GLN A 34 10.90 4.32 -2.35
C GLN A 34 10.14 3.00 -2.21
N ASP A 35 10.71 1.96 -2.80
CA ASP A 35 10.15 0.60 -2.72
C ASP A 35 10.19 0.09 -1.29
N PRO A 36 9.06 -0.31 -0.70
CA PRO A 36 9.07 -0.87 0.65
C PRO A 36 9.28 -2.38 0.72
N HIS A 37 9.40 -3.04 -0.43
CA HIS A 37 9.55 -4.50 -0.42
C HIS A 37 10.99 -4.90 -0.11
N GLU A 38 11.95 -4.13 -0.58
CA GLU A 38 13.37 -4.44 -0.41
C GLU A 38 14.05 -3.11 -0.09
N TYR A 39 14.51 -2.97 1.14
CA TYR A 39 15.11 -1.73 1.60
C TYR A 39 16.25 -2.09 2.52
N GLU A 40 17.26 -1.22 2.61
CA GLU A 40 18.37 -1.44 3.52
C GLU A 40 18.30 -0.44 4.65
N PRO A 41 17.86 -0.84 5.84
CA PRO A 41 17.76 0.12 6.94
C PRO A 41 19.10 0.81 7.20
N LEU A 42 19.02 2.12 7.45
CA LEU A 42 20.17 2.91 7.83
C LEU A 42 20.44 2.76 9.31
N PRO A 43 21.62 3.16 9.78
CA PRO A 43 21.89 3.07 11.22
C PRO A 43 20.83 3.71 12.10
N GLU A 44 20.29 4.87 11.72
CA GLU A 44 19.24 5.48 12.52
C GLU A 44 18.01 4.57 12.59
N ASP A 45 17.68 3.87 11.49
CA ASP A 45 16.54 2.96 11.51
C ASP A 45 16.78 1.79 12.46
N VAL A 46 18.00 1.25 12.47
CA VAL A 46 18.32 0.15 13.38
C VAL A 46 18.23 0.61 14.82
N GLU A 47 18.78 1.80 15.11
CA GLU A 47 18.71 2.36 16.46
C GLU A 47 17.27 2.56 16.90
N LYS A 48 16.46 3.23 16.07
CA LYS A 48 15.08 3.51 16.44
C LYS A 48 14.27 2.22 16.65
N THR A 49 14.54 1.20 15.82
CA THR A 49 13.81 -0.06 15.98
C THR A 49 14.17 -0.75 17.29
N SER A 50 15.45 -0.75 17.64
CA SER A 50 15.85 -1.37 18.89
C SER A 50 15.29 -0.64 20.11
N ASN A 51 15.13 0.68 20.02
CA ASN A 51 14.66 1.50 21.13
C ASN A 51 13.14 1.68 21.15
N ALA A 52 12.41 1.16 20.17
CA ALA A 52 10.98 1.41 20.08
C ALA A 52 10.23 0.67 21.17
N ASP A 53 9.06 1.23 21.54
CA ASP A 53 8.08 0.52 22.35
C ASP A 53 7.11 -0.28 21.50
N VAL A 54 6.84 0.18 20.27
CA VAL A 54 5.88 -0.46 19.36
C VAL A 54 6.46 -0.36 17.96
N ILE A 55 6.45 -1.47 17.22
CA ILE A 55 6.86 -1.51 15.81
C ILE A 55 5.69 -2.03 14.99
N PHE A 56 5.31 -1.28 13.95
CA PHE A 56 4.24 -1.68 13.04
C PHE A 56 4.81 -2.00 11.67
N TYR A 57 4.40 -3.13 11.08
CA TYR A 57 4.81 -3.51 9.75
C TYR A 57 3.59 -4.05 9.01
N ASN A 58 3.70 -4.17 7.68
CA ASN A 58 2.55 -4.60 6.90
C ASN A 58 2.27 -6.08 7.10
N GLY A 59 3.31 -6.90 7.02
CA GLY A 59 3.14 -8.34 6.95
C GLY A 59 2.76 -8.79 5.55
N ILE A 60 2.18 -9.98 5.49
CA ILE A 60 1.66 -10.61 4.27
C ILE A 60 2.58 -10.39 3.06
N ASN A 61 3.88 -10.62 3.27
CA ASN A 61 4.86 -10.68 2.18
C ASN A 61 5.12 -9.30 1.55
N LEU A 62 5.02 -8.22 2.33
CA LEU A 62 5.56 -6.94 1.88
C LEU A 62 7.03 -6.84 2.24
N GLU A 63 7.33 -6.93 3.52
CA GLU A 63 8.70 -6.75 4.01
C GLU A 63 9.16 -7.89 4.91
N ASP A 64 8.40 -8.98 5.00
CA ASP A 64 8.58 -9.96 6.07
C ASP A 64 8.81 -11.39 5.59
N GLY A 65 9.12 -11.59 4.30
CA GLY A 65 9.65 -12.90 3.92
C GLY A 65 10.80 -13.41 4.77
N GLY A 66 11.13 -14.69 4.64
CA GLY A 66 12.12 -15.29 5.52
C GLY A 66 13.49 -14.63 5.43
N GLN A 67 13.86 -14.15 4.25
CA GLN A 67 15.12 -13.43 4.05
C GLN A 67 14.90 -11.95 3.79
N ALA A 68 13.71 -11.44 4.07
CA ALA A 68 13.38 -10.06 3.76
C ALA A 68 13.93 -9.11 4.82
N TRP A 69 13.97 -7.82 4.47
CA TRP A 69 14.73 -6.87 5.26
C TRP A 69 14.18 -6.66 6.65
N PHE A 70 12.85 -6.62 6.80
CA PHE A 70 12.30 -6.36 8.12
C PHE A 70 12.50 -7.57 9.03
N THR A 71 12.34 -8.78 8.50
CA THR A 71 12.58 -9.98 9.30
C THR A 71 14.00 -9.99 9.87
N LYS A 72 14.99 -9.68 9.03
CA LYS A 72 16.36 -9.63 9.52
C LYS A 72 16.51 -8.56 10.59
N LEU A 73 15.92 -7.39 10.38
CA LEU A 73 16.02 -6.29 11.33
C LEU A 73 15.51 -6.70 12.72
N VAL A 74 14.31 -7.26 12.80
CA VAL A 74 13.74 -7.58 14.11
C VAL A 74 14.40 -8.80 14.74
N LYS A 75 14.83 -9.77 13.92
CA LYS A 75 15.51 -10.94 14.48
C LYS A 75 16.88 -10.56 15.03
N ASN A 76 17.60 -9.68 14.34
CA ASN A 76 18.87 -9.20 14.86
C ASN A 76 18.68 -8.43 16.16
N ALA A 77 17.56 -7.75 16.33
CA ALA A 77 17.27 -6.96 17.52
C ALA A 77 16.65 -7.79 18.63
N GLN A 78 16.43 -9.09 18.39
CA GLN A 78 15.81 -9.98 19.37
C GLN A 78 14.42 -9.46 19.79
N LYS A 79 13.67 -8.96 18.82
CA LYS A 79 12.30 -8.53 19.06
C LYS A 79 11.35 -9.69 18.77
N THR A 80 10.17 -9.62 19.39
CA THR A 80 9.24 -10.74 19.38
C THR A 80 7.89 -10.33 18.80
N LYS A 81 7.39 -11.13 17.86
CA LYS A 81 6.11 -10.83 17.23
C LYS A 81 4.99 -10.87 18.27
N ASN A 82 4.08 -9.92 18.15
CA ASN A 82 2.93 -9.78 19.04
C ASN A 82 3.30 -9.39 20.47
N LYS A 83 4.54 -8.93 20.68
CA LYS A 83 4.98 -8.30 21.91
C LYS A 83 5.62 -6.96 21.57
N ASP A 84 6.59 -6.99 20.65
CA ASP A 84 7.31 -5.81 20.21
C ASP A 84 6.87 -5.31 18.84
N TYR A 85 6.55 -6.22 17.93
CA TYR A 85 6.20 -5.82 16.57
C TYR A 85 4.91 -6.50 16.13
N PHE A 86 4.14 -5.78 15.32
CA PHE A 86 2.75 -6.12 15.03
C PHE A 86 2.43 -5.94 13.55
N ALA A 87 1.84 -6.97 12.94
CA ALA A 87 1.43 -6.89 11.55
C ALA A 87 0.07 -6.23 11.48
N VAL A 88 0.00 -5.03 10.91
CA VAL A 88 -1.25 -4.29 10.88
C VAL A 88 -2.29 -4.91 9.97
N SER A 89 -1.89 -5.86 9.11
CA SER A 89 -2.83 -6.55 8.23
C SER A 89 -3.56 -7.70 8.92
N ASP A 90 -3.27 -8.00 10.18
CA ASP A 90 -3.92 -9.12 10.85
C ASP A 90 -5.43 -8.97 10.78
N GLY A 91 -6.11 -9.98 10.23
CA GLY A 91 -7.56 -9.99 10.16
C GLY A 91 -8.13 -9.70 8.80
N ILE A 92 -7.33 -9.22 7.85
CA ILE A 92 -7.84 -9.06 6.49
C ILE A 92 -8.07 -10.43 5.87
N ASP A 93 -8.91 -10.45 4.83
CA ASP A 93 -9.03 -11.61 3.96
C ASP A 93 -7.84 -11.58 3.00
N VAL A 94 -6.92 -12.54 3.14
CA VAL A 94 -5.66 -12.52 2.39
C VAL A 94 -5.89 -12.97 0.95
N ILE A 95 -5.31 -12.24 0.00
CA ILE A 95 -5.22 -12.68 -1.39
C ILE A 95 -3.77 -13.06 -1.66
N TYR A 96 -3.58 -14.13 -2.41
CA TYR A 96 -2.25 -14.65 -2.72
C TYR A 96 -1.78 -14.22 -4.10
N LEU A 97 -0.47 -14.32 -4.32
CA LEU A 97 0.06 -14.16 -5.67
C LEU A 97 -0.59 -15.18 -6.60
N GLU A 98 -0.61 -14.86 -7.89
CA GLU A 98 -1.37 -15.67 -8.85
C GLU A 98 -0.91 -17.13 -8.83
N GLY A 99 -1.88 -18.04 -8.73
CA GLY A 99 -1.62 -19.46 -8.71
C GLY A 99 -1.15 -20.00 -7.39
N ALA A 100 -0.97 -19.16 -6.38
CA ALA A 100 -0.40 -19.58 -5.11
C ALA A 100 -1.47 -19.64 -4.02
N SER A 101 -1.17 -20.42 -2.99
CA SER A 101 -2.00 -20.50 -1.81
C SER A 101 -1.19 -20.64 -0.53
N GLU A 102 0.13 -20.73 -0.63
CA GLU A 102 0.99 -21.11 0.48
C GLU A 102 1.47 -19.89 1.25
N LYS A 103 1.65 -20.06 2.55
CA LYS A 103 2.27 -19.03 3.38
C LYS A 103 3.61 -18.62 2.79
N GLY A 104 3.86 -17.31 2.78
CA GLY A 104 5.03 -16.77 2.11
C GLY A 104 4.79 -16.28 0.71
N LYS A 105 3.65 -16.62 0.11
CA LYS A 105 3.31 -16.21 -1.25
C LYS A 105 2.06 -15.34 -1.26
N GLU A 106 1.83 -14.58 -0.19
CA GLU A 106 0.72 -13.64 -0.14
C GLU A 106 1.00 -12.46 -1.06
N ASP A 107 -0.09 -11.85 -1.54
CA ASP A 107 0.00 -10.53 -2.14
C ASP A 107 -0.15 -9.49 -1.05
N PRO A 108 0.80 -8.58 -0.88
CA PRO A 108 0.80 -7.72 0.31
C PRO A 108 -0.08 -6.48 0.23
N HIS A 109 -0.64 -6.15 -0.95
CA HIS A 109 -1.15 -4.79 -1.20
C HIS A 109 -2.58 -4.60 -0.71
N ALA A 110 -2.85 -5.01 0.53
CA ALA A 110 -4.21 -5.05 1.04
C ALA A 110 -4.83 -3.66 1.21
N TRP A 111 -3.99 -2.65 1.45
CA TRP A 111 -4.47 -1.31 1.79
C TRP A 111 -5.14 -0.60 0.61
N LEU A 112 -5.05 -1.13 -0.61
CA LEU A 112 -5.76 -0.50 -1.71
C LEU A 112 -7.26 -0.82 -1.72
N ASN A 113 -7.71 -1.70 -0.82
CA ASN A 113 -9.11 -1.82 -0.43
C ASN A 113 -9.28 -1.03 0.87
N LEU A 114 -10.11 0.03 0.83
CA LEU A 114 -10.30 0.88 2.01
C LEU A 114 -10.82 0.12 3.22
N GLU A 115 -11.59 -0.96 3.02
CA GLU A 115 -11.99 -1.79 4.16
C GLU A 115 -10.79 -2.30 4.92
N ASN A 116 -9.70 -2.63 4.20
CA ASN A 116 -8.48 -3.10 4.83
C ASN A 116 -7.70 -1.96 5.46
N GLY A 117 -7.76 -0.76 4.88
CA GLY A 117 -7.19 0.39 5.57
C GLY A 117 -7.84 0.62 6.92
N ILE A 118 -9.14 0.37 7.01
CA ILE A 118 -9.85 0.44 8.28
C ILE A 118 -9.35 -0.62 9.25
N ILE A 119 -9.20 -1.86 8.77
CA ILE A 119 -8.64 -2.93 9.61
C ILE A 119 -7.24 -2.57 10.11
N TYR A 120 -6.39 -2.05 9.22
CA TYR A 120 -5.05 -1.63 9.63
C TYR A 120 -5.14 -0.60 10.75
N SER A 121 -6.02 0.39 10.58
CA SER A 121 -6.08 1.48 11.53
C SER A 121 -6.59 1.01 12.89
N LYS A 122 -7.58 0.11 12.88
CA LYS A 122 -8.08 -0.42 14.15
C LYS A 122 -7.01 -1.22 14.86
N ASN A 123 -6.20 -1.98 14.12
CA ASN A 123 -5.10 -2.72 14.73
C ASN A 123 -4.08 -1.77 15.35
N ILE A 124 -3.74 -0.70 14.64
CA ILE A 124 -2.81 0.30 15.18
C ILE A 124 -3.36 0.88 16.48
N ALA A 125 -4.63 1.30 16.46
CA ALA A 125 -5.23 1.88 17.67
C ALA A 125 -5.22 0.91 18.84
N LYS A 126 -5.55 -0.37 18.60
CA LYS A 126 -5.60 -1.33 19.70
C LYS A 126 -4.23 -1.49 20.35
N GLN A 127 -3.17 -1.50 19.56
N GLN A 127 -3.17 -1.51 19.55
CA GLN A 127 -1.86 -1.70 20.16
CA GLN A 127 -1.84 -1.70 20.11
C GLN A 127 -1.32 -0.42 20.81
C GLN A 127 -1.33 -0.44 20.79
N LEU A 128 -1.68 0.74 20.28
CA LEU A 128 -1.32 1.99 20.96
C LEU A 128 -2.03 2.10 22.31
N ILE A 129 -3.31 1.70 22.36
CA ILE A 129 -4.06 1.76 23.61
C ILE A 129 -3.49 0.77 24.62
N ALA A 130 -3.09 -0.42 24.16
CA ALA A 130 -2.53 -1.43 25.05
C ALA A 130 -1.26 -0.92 25.73
N LYS A 131 -0.40 -0.24 24.98
CA LYS A 131 0.89 0.18 25.51
C LYS A 131 0.88 1.57 26.13
N ASP A 132 -0.15 2.39 25.85
CA ASP A 132 -0.23 3.76 26.36
C ASP A 132 -1.67 4.04 26.77
N PRO A 133 -2.17 3.34 27.80
CA PRO A 133 -3.61 3.45 28.13
C PRO A 133 -4.05 4.82 28.58
N LYS A 134 -3.15 5.66 29.08
CA LYS A 134 -3.55 7.00 29.52
C LYS A 134 -3.92 7.92 28.36
N ASN A 135 -3.58 7.57 27.13
CA ASN A 135 -4.02 8.32 25.95
C ASN A 135 -5.14 7.62 25.20
N LYS A 136 -5.80 6.64 25.83
CA LYS A 136 -6.91 5.93 25.22
C LYS A 136 -7.97 6.87 24.65
N GLU A 137 -8.32 7.92 25.41
CA GLU A 137 -9.35 8.86 24.95
C GLU A 137 -8.99 9.45 23.60
N THR A 138 -7.75 9.89 23.44
CA THR A 138 -7.33 10.48 22.17
C THR A 138 -7.33 9.44 21.05
N TYR A 139 -6.73 8.28 21.30
CA TYR A 139 -6.66 7.25 20.26
C TYR A 139 -8.05 6.82 19.81
N GLU A 140 -8.97 6.63 20.75
CA GLU A 140 -10.31 6.18 20.37
C GLU A 140 -11.08 7.26 19.63
N LYS A 141 -10.96 8.52 20.07
CA LYS A 141 -11.62 9.62 19.38
C LYS A 141 -11.10 9.76 17.95
N ASN A 142 -9.77 9.74 17.80
CA ASN A 142 -9.19 9.92 16.48
C ASN A 142 -9.52 8.74 15.58
N LEU A 143 -9.49 7.53 16.14
CA LEU A 143 -9.85 6.34 15.35
C LEU A 143 -11.28 6.43 14.85
N LYS A 144 -12.22 6.81 15.74
CA LYS A 144 -13.62 6.84 15.32
C LYS A 144 -13.84 7.80 14.16
N ALA A 145 -13.22 8.98 14.20
CA ALA A 145 -13.38 9.94 13.11
C ALA A 145 -12.67 9.46 11.86
N TYR A 146 -11.49 8.84 12.00
CA TYR A 146 -10.75 8.37 10.83
C TYR A 146 -11.48 7.26 10.12
N VAL A 147 -11.99 6.28 10.89
CA VAL A 147 -12.76 5.18 10.31
C VAL A 147 -13.98 5.72 9.57
N ALA A 148 -14.68 6.69 10.16
CA ALA A 148 -15.86 7.23 9.50
C ALA A 148 -15.50 7.85 8.16
N LYS A 149 -14.36 8.55 8.12
CA LYS A 149 -13.91 9.18 6.89
C LYS A 149 -13.56 8.15 5.84
N LEU A 150 -12.86 7.08 6.25
CA LEU A 150 -12.49 6.03 5.30
C LEU A 150 -13.73 5.27 4.81
N GLU A 151 -14.72 5.08 5.68
CA GLU A 151 -15.94 4.40 5.28
C GLU A 151 -16.69 5.19 4.22
N LYS A 152 -16.74 6.52 4.37
CA LYS A 152 -17.41 7.35 3.36
C LYS A 152 -16.70 7.24 2.01
N LEU A 153 -15.37 7.24 2.03
CA LEU A 153 -14.63 7.10 0.77
C LEU A 153 -14.81 5.71 0.19
N ASP A 154 -14.89 4.68 1.03
CA ASP A 154 -15.13 3.32 0.55
C ASP A 154 -16.48 3.22 -0.15
N LYS A 155 -17.49 3.88 0.40
CA LYS A 155 -18.80 3.88 -0.23
C LYS A 155 -18.75 4.53 -1.60
N GLU A 156 -18.01 5.64 -1.72
CA GLU A 156 -17.81 6.28 -3.01
C GLU A 156 -17.08 5.35 -3.99
N ALA A 157 -16.06 4.63 -3.50
CA ALA A 157 -15.29 3.75 -4.38
C ALA A 157 -16.14 2.61 -4.93
N LYS A 158 -17.16 2.19 -4.18
CA LYS A 158 -17.95 1.04 -4.60
C LYS A 158 -18.88 1.37 -5.76
N SER A 159 -19.12 2.64 -6.05
CA SER A 159 -19.93 3.04 -7.19
C SER A 159 -19.15 3.89 -8.18
N LYS A 160 -17.85 4.07 -7.96
CA LYS A 160 -17.07 5.03 -8.75
C LYS A 160 -16.99 4.65 -10.22
N PHE A 161 -17.00 3.35 -10.51
CA PHE A 161 -16.75 2.87 -11.87
C PHE A 161 -18.00 2.34 -12.54
N ASP A 162 -19.19 2.68 -12.01
CA ASP A 162 -20.45 2.10 -12.48
C ASP A 162 -20.76 2.50 -13.92
N ALA A 163 -20.30 3.67 -14.37
CA ALA A 163 -20.65 4.15 -15.69
C ALA A 163 -19.67 3.68 -16.78
N ILE A 164 -18.63 2.93 -16.42
CA ILE A 164 -17.60 2.53 -17.38
C ILE A 164 -17.91 1.12 -17.89
N ALA A 165 -17.89 0.96 -19.22
CA ALA A 165 -18.22 -0.32 -19.84
C ALA A 165 -17.16 -1.37 -19.50
N GLU A 166 -17.59 -2.63 -19.43
CA GLU A 166 -16.67 -3.69 -19.02
C GLU A 166 -15.49 -3.83 -19.98
N ASN A 167 -15.68 -3.56 -21.27
CA ASN A 167 -14.62 -3.78 -22.24
C ASN A 167 -13.53 -2.70 -22.21
N LYS A 168 -13.61 -1.72 -21.31
CA LYS A 168 -12.47 -0.84 -21.05
C LYS A 168 -12.17 -0.66 -19.57
N LYS A 169 -12.75 -1.50 -18.70
CA LYS A 169 -12.44 -1.51 -17.27
C LYS A 169 -11.21 -2.38 -17.06
N LEU A 170 -10.04 -1.76 -17.17
CA LEU A 170 -8.79 -2.45 -16.87
C LEU A 170 -7.82 -1.40 -16.36
N ILE A 171 -7.39 -1.58 -15.10
CA ILE A 171 -6.37 -0.74 -14.50
C ILE A 171 -5.01 -1.35 -14.81
N VAL A 172 -4.14 -0.58 -15.47
CA VAL A 172 -2.84 -1.07 -15.88
C VAL A 172 -1.78 -0.27 -15.14
N THR A 173 -0.95 -0.98 -14.36
CA THR A 173 0.12 -0.38 -13.59
C THR A 173 1.39 -1.22 -13.79
N SER A 174 2.53 -0.71 -13.31
CA SER A 174 3.78 -1.43 -13.54
C SER A 174 3.83 -2.71 -12.71
N GLU A 175 3.64 -2.57 -11.40
CA GLU A 175 3.56 -3.69 -10.48
C GLU A 175 2.11 -4.17 -10.40
N GLY A 176 1.94 -5.48 -10.28
CA GLY A 176 0.61 -6.06 -10.10
C GLY A 176 0.07 -5.90 -8.70
N CYS A 177 -0.09 -4.65 -8.27
CA CYS A 177 -0.42 -4.31 -6.90
C CYS A 177 -1.89 -4.03 -6.66
N PHE A 178 -2.78 -4.34 -7.61
CA PHE A 178 -4.18 -3.92 -7.54
C PHE A 178 -5.16 -5.06 -7.22
N LYS A 179 -4.68 -6.22 -6.76
CA LYS A 179 -5.60 -7.34 -6.59
C LYS A 179 -6.72 -7.03 -5.61
N TYR A 180 -6.40 -6.36 -4.50
CA TYR A 180 -7.41 -6.09 -3.49
C TYR A 180 -8.39 -5.03 -3.96
N PHE A 181 -7.88 -4.01 -4.66
CA PHE A 181 -8.72 -2.98 -5.25
C PHE A 181 -9.65 -3.60 -6.31
N SER A 182 -9.09 -4.45 -7.18
CA SER A 182 -9.88 -5.09 -8.23
C SER A 182 -11.01 -5.93 -7.63
N LYS A 183 -10.73 -6.66 -6.56
CA LYS A 183 -11.74 -7.51 -5.93
C LYS A 183 -12.80 -6.66 -5.22
N ALA A 184 -12.38 -5.62 -4.53
CA ALA A 184 -13.31 -4.81 -3.73
C ALA A 184 -14.21 -3.96 -4.59
N TYR A 185 -13.68 -3.44 -5.71
CA TYR A 185 -14.36 -2.40 -6.47
C TYR A 185 -14.73 -2.82 -7.88
N GLY A 186 -14.47 -4.07 -8.27
CA GLY A 186 -15.00 -4.58 -9.52
C GLY A 186 -14.34 -4.04 -10.77
N VAL A 187 -13.06 -3.71 -10.69
CA VAL A 187 -12.31 -3.22 -11.84
C VAL A 187 -11.08 -4.10 -12.02
N PRO A 188 -11.03 -4.96 -13.04
CA PRO A 188 -9.86 -5.81 -13.23
C PRO A 188 -8.58 -5.02 -13.50
N SER A 189 -7.45 -5.68 -13.28
CA SER A 189 -6.16 -5.02 -13.36
C SER A 189 -5.17 -5.92 -14.09
N ALA A 190 -4.14 -5.29 -14.67
CA ALA A 190 -3.05 -5.96 -15.36
C ALA A 190 -1.75 -5.20 -15.08
N TYR A 191 -0.62 -5.80 -15.43
CA TYR A 191 0.67 -5.34 -14.92
C TYR A 191 1.81 -5.73 -15.85
N ILE A 192 2.98 -5.13 -15.59
CA ILE A 192 4.23 -5.52 -16.23
C ILE A 192 4.88 -6.65 -15.43
N TRP A 193 5.10 -6.43 -14.13
CA TRP A 193 5.63 -7.45 -13.23
C TRP A 193 4.69 -7.60 -12.04
N GLU A 194 4.53 -8.82 -11.53
CA GLU A 194 3.48 -9.05 -10.55
C GLU A 194 3.79 -8.37 -9.22
N ILE A 195 5.04 -8.49 -8.74
CA ILE A 195 5.43 -7.95 -7.45
C ILE A 195 6.86 -7.47 -7.57
N ASN A 196 7.21 -6.42 -6.81
CA ASN A 196 8.48 -5.71 -6.99
C ASN A 196 9.72 -6.57 -6.80
N THR A 197 9.61 -7.71 -6.11
CA THR A 197 10.77 -8.59 -5.98
C THR A 197 11.08 -9.37 -7.24
N GLU A 198 10.19 -9.37 -8.23
CA GLU A 198 10.50 -9.95 -9.53
C GLU A 198 11.40 -9.00 -10.32
N GLU A 199 11.88 -9.48 -11.47
CA GLU A 199 12.58 -8.59 -12.39
C GLU A 199 11.62 -7.50 -12.86
N GLU A 200 12.07 -6.25 -12.76
CA GLU A 200 11.17 -5.12 -12.97
C GLU A 200 11.29 -4.57 -14.39
N GLY A 201 10.73 -5.33 -15.34
CA GLY A 201 10.46 -4.78 -16.65
C GLY A 201 11.33 -5.28 -17.80
N THR A 202 11.37 -6.59 -18.01
CA THR A 202 12.09 -7.12 -19.15
C THR A 202 11.33 -6.85 -20.43
N PRO A 203 12.02 -6.90 -21.58
CA PRO A 203 11.28 -6.79 -22.84
C PRO A 203 10.17 -7.82 -22.96
N ASP A 204 10.38 -9.03 -22.44
CA ASP A 204 9.34 -10.05 -22.51
C ASP A 204 8.12 -9.71 -21.67
N GLN A 205 8.33 -9.17 -20.45
CA GLN A 205 7.20 -8.74 -19.63
C GLN A 205 6.41 -7.63 -20.31
N ILE A 206 7.13 -6.68 -20.91
CA ILE A 206 6.47 -5.59 -21.62
C ILE A 206 5.66 -6.14 -22.78
N SER A 207 6.25 -7.09 -23.53
CA SER A 207 5.53 -7.69 -24.66
C SER A 207 4.29 -8.44 -24.21
N SER A 208 4.38 -9.17 -23.09
CA SER A 208 3.20 -9.87 -22.58
C SER A 208 2.06 -8.92 -22.29
N LEU A 209 2.35 -7.74 -21.72
CA LEU A 209 1.29 -6.79 -21.42
C LEU A 209 0.73 -6.17 -22.69
N ILE A 210 1.62 -5.80 -23.62
CA ILE A 210 1.20 -5.27 -24.92
C ILE A 210 0.19 -6.21 -25.58
N GLU A 211 0.44 -7.52 -25.52
CA GLU A 211 -0.48 -8.47 -26.13
C GLU A 211 -1.81 -8.49 -25.39
N LYS A 212 -1.79 -8.38 -24.06
CA LYS A 212 -3.04 -8.34 -23.29
C LYS A 212 -3.86 -7.11 -23.65
N LEU A 213 -3.19 -5.97 -23.88
CA LEU A 213 -3.88 -4.72 -24.17
C LEU A 213 -4.53 -4.71 -25.55
N LYS A 214 -4.23 -5.70 -26.38
CA LYS A 214 -4.94 -5.87 -27.64
C LYS A 214 -6.27 -6.58 -27.47
N VAL A 215 -6.47 -7.26 -26.34
CA VAL A 215 -7.72 -7.98 -26.08
C VAL A 215 -8.69 -7.06 -25.35
N ILE A 216 -8.25 -6.50 -24.22
CA ILE A 216 -9.00 -5.50 -23.48
C ILE A 216 -8.20 -4.22 -23.52
N LYS A 217 -8.74 -3.18 -24.17
CA LYS A 217 -7.97 -1.98 -24.45
C LYS A 217 -8.50 -0.79 -23.66
N PRO A 218 -7.91 -0.47 -22.52
CA PRO A 218 -8.34 0.70 -21.76
C PRO A 218 -7.89 1.99 -22.43
N SER A 219 -8.54 3.09 -22.02
CA SER A 219 -8.25 4.40 -22.58
C SER A 219 -7.07 5.08 -21.92
N ALA A 220 -6.52 4.50 -20.85
CA ALA A 220 -5.44 5.11 -20.09
C ALA A 220 -4.59 4.00 -19.48
N LEU A 221 -3.31 4.32 -19.28
CA LEU A 221 -2.41 3.58 -18.41
C LEU A 221 -2.07 4.46 -17.22
N PHE A 222 -1.53 3.85 -16.15
CA PHE A 222 -1.14 4.58 -14.96
C PHE A 222 0.27 4.17 -14.57
N VAL A 223 0.94 5.03 -13.82
CA VAL A 223 2.29 4.71 -13.35
C VAL A 223 2.44 5.13 -11.89
N GLU A 224 3.02 4.26 -11.10
CA GLU A 224 3.11 4.48 -9.66
C GLU A 224 4.25 5.42 -9.31
N SER A 225 4.07 6.17 -8.23
CA SER A 225 5.05 7.15 -7.76
C SER A 225 6.34 6.51 -7.27
N SER A 226 6.37 5.20 -7.07
CA SER A 226 7.44 4.50 -6.39
C SER A 226 8.20 3.55 -7.31
N VAL A 227 7.96 3.61 -8.62
CA VAL A 227 8.63 2.75 -9.59
C VAL A 227 9.38 3.58 -10.61
N ASP A 228 10.32 2.93 -11.28
CA ASP A 228 10.92 3.50 -12.49
C ASP A 228 9.84 3.55 -13.58
N ARG A 229 9.63 4.73 -14.18
CA ARG A 229 8.61 4.91 -15.19
C ARG A 229 8.99 4.36 -16.56
N ARG A 230 10.26 4.02 -16.79
CA ARG A 230 10.70 3.65 -18.14
C ARG A 230 9.91 2.48 -18.71
N PRO A 231 9.69 1.38 -17.98
CA PRO A 231 8.91 0.27 -18.56
C PRO A 231 7.51 0.68 -19.02
N MET A 232 6.77 1.42 -18.19
CA MET A 232 5.42 1.82 -18.61
C MET A 232 5.47 2.84 -19.75
N GLU A 233 6.50 3.68 -19.81
CA GLU A 233 6.64 4.56 -20.97
C GLU A 233 6.80 3.76 -22.25
N THR A 234 7.52 2.63 -22.17
CA THR A 234 7.63 1.74 -23.33
C THR A 234 6.29 1.08 -23.66
N VAL A 235 5.56 0.60 -22.65
CA VAL A 235 4.22 0.07 -22.90
C VAL A 235 3.34 1.11 -23.58
N SER A 236 3.37 2.34 -23.07
CA SER A 236 2.56 3.40 -23.66
C SER A 236 2.95 3.66 -25.10
N LYS A 237 4.25 3.70 -25.39
CA LYS A 237 4.69 4.00 -26.76
C LYS A 237 4.30 2.90 -27.72
N ASP A 238 4.46 1.64 -27.30
CA ASP A 238 4.19 0.51 -28.18
C ASP A 238 2.70 0.24 -28.34
N SER A 239 1.88 0.58 -27.34
CA SER A 239 0.44 0.36 -27.42
C SER A 239 -0.31 1.58 -27.96
N GLY A 240 0.28 2.77 -27.86
CA GLY A 240 -0.42 3.99 -28.18
C GLY A 240 -1.40 4.47 -27.13
N ILE A 241 -1.47 3.81 -25.98
CA ILE A 241 -2.38 4.20 -24.90
C ILE A 241 -1.64 5.17 -23.98
N PRO A 242 -2.18 6.35 -23.72
CA PRO A 242 -1.42 7.35 -22.95
C PRO A 242 -1.37 7.02 -21.46
N ILE A 243 -0.26 7.36 -20.83
CA ILE A 243 -0.20 7.41 -19.37
C ILE A 243 -1.03 8.61 -18.91
N TYR A 244 -2.07 8.35 -18.13
CA TYR A 244 -2.99 9.44 -17.78
C TYR A 244 -2.53 10.20 -16.56
N SER A 245 -2.02 9.48 -15.56
CA SER A 245 -1.63 10.10 -14.30
C SER A 245 -0.70 9.17 -13.55
N GLU A 246 0.17 9.78 -12.74
CA GLU A 246 0.81 9.07 -11.65
C GLU A 246 -0.25 8.72 -10.60
N ILE A 247 -0.05 7.58 -9.93
CA ILE A 247 -0.90 7.14 -8.84
C ILE A 247 -0.03 6.67 -7.68
N PHE A 248 -0.67 6.34 -6.56
CA PHE A 248 0.04 6.05 -5.32
C PHE A 248 -0.30 4.64 -4.86
N THR A 249 0.71 3.77 -4.82
CA THR A 249 0.49 2.37 -4.46
C THR A 249 1.32 2.02 -3.23
N ASP A 250 2.64 1.93 -3.35
CA ASP A 250 3.50 1.53 -2.24
C ASP A 250 3.97 2.70 -1.39
N SER A 251 3.56 3.93 -1.68
CA SER A 251 3.97 5.10 -0.91
C SER A 251 2.93 6.19 -1.05
N ILE A 252 2.80 7.01 0.00
CA ILE A 252 2.06 8.27 -0.12
C ILE A 252 2.94 9.27 -0.87
N ALA A 253 2.37 10.43 -1.21
CA ALA A 253 3.13 11.49 -1.87
C ALA A 253 4.00 12.25 -0.87
N LYS A 254 5.01 12.93 -1.41
CA LYS A 254 5.86 13.80 -0.60
C LYS A 254 5.02 14.91 0.04
N LYS A 255 5.46 15.41 1.19
CA LYS A 255 4.64 16.33 1.97
C LYS A 255 4.33 17.60 1.15
N GLY A 256 3.07 18.02 1.18
CA GLY A 256 2.63 19.20 0.48
C GLY A 256 2.17 18.96 -0.94
N LYS A 257 2.41 17.79 -1.50
CA LYS A 257 1.95 17.36 -2.82
C LYS A 257 0.60 16.66 -2.67
N PRO A 258 -0.33 16.79 -3.61
CA PRO A 258 -1.59 16.04 -3.48
C PRO A 258 -1.32 14.55 -3.35
N GLY A 259 -2.07 13.90 -2.44
CA GLY A 259 -1.86 12.50 -2.13
C GLY A 259 -0.93 12.22 -0.98
N ASP A 260 -0.60 13.23 -0.17
CA ASP A 260 0.40 13.11 0.89
C ASP A 260 -0.15 12.55 2.19
N SER A 261 -1.10 11.63 2.10
CA SER A 261 -1.59 10.85 3.23
C SER A 261 -2.29 9.63 2.65
N TYR A 262 -2.56 8.64 3.50
CA TYR A 262 -3.28 7.47 3.02
C TYR A 262 -4.64 7.84 2.47
N TYR A 263 -5.39 8.66 3.21
CA TYR A 263 -6.69 9.09 2.73
C TYR A 263 -6.56 9.84 1.40
N ALA A 264 -5.64 10.81 1.36
CA ALA A 264 -5.53 11.64 0.17
C ALA A 264 -5.02 10.87 -1.04
N MET A 265 -4.13 9.90 -0.82
CA MET A 265 -3.65 9.11 -1.95
C MET A 265 -4.78 8.25 -2.52
N MET A 266 -5.68 7.77 -1.66
CA MET A 266 -6.77 6.93 -2.16
C MET A 266 -7.83 7.77 -2.87
N LYS A 267 -8.11 8.97 -2.34
CA LYS A 267 -9.01 9.87 -3.05
C LYS A 267 -8.45 10.22 -4.42
N TRP A 268 -7.16 10.55 -4.48
CA TRP A 268 -6.48 10.82 -5.73
C TRP A 268 -6.61 9.65 -6.69
N ASN A 269 -6.28 8.44 -6.22
CA ASN A 269 -6.34 7.26 -7.08
C ASN A 269 -7.74 7.06 -7.64
N LEU A 270 -8.77 7.19 -6.79
CA LEU A 270 -10.14 6.97 -7.26
C LEU A 270 -10.54 8.00 -8.31
N ASP A 271 -10.18 9.26 -8.08
CA ASP A 271 -10.52 10.32 -9.04
C ASP A 271 -9.78 10.12 -10.37
N LYS A 272 -8.46 9.94 -10.30
CA LYS A 272 -7.65 9.90 -11.51
C LYS A 272 -7.92 8.64 -12.32
N ILE A 273 -8.06 7.50 -11.65
CA ILE A 273 -8.31 6.25 -12.37
C ILE A 273 -9.67 6.27 -13.04
N SER A 274 -10.71 6.70 -12.31
CA SER A 274 -12.04 6.74 -12.92
C SER A 274 -12.10 7.75 -14.05
N GLU A 275 -11.46 8.91 -13.88
CA GLU A 275 -11.46 9.92 -14.94
C GLU A 275 -10.71 9.43 -16.18
N GLY A 276 -9.54 8.82 -15.99
CA GLY A 276 -8.78 8.34 -17.13
C GLY A 276 -9.46 7.20 -17.86
N LEU A 277 -10.05 6.26 -17.11
CA LEU A 277 -10.70 5.12 -17.77
C LEU A 277 -11.97 5.53 -18.52
N ALA A 278 -12.60 6.62 -18.10
CA ALA A 278 -13.84 7.06 -18.73
C ALA A 278 -13.62 7.84 -20.02
N LYS A 279 -12.38 8.13 -20.39
CA LYS A 279 -12.11 8.80 -21.65
C LYS A 279 -12.38 7.88 -22.84
#